data_1A4T
#
_entry.id   1A4T
#
_cell.length_a   1.000
_cell.length_b   1.000
_cell.length_c   1.000
_cell.angle_alpha   90.00
_cell.angle_beta   90.00
_cell.angle_gamma   90.00
#
_symmetry.space_group_name_H-M   'P 1'
#
loop_
_entity.id
_entity.type
_entity.pdbx_description
1 polymer 'BOXB RNA'
2 polymer '20-MER BASIC PEPTIDE'
#
loop_
_entity_poly.entity_id
_entity_poly.type
_entity_poly.pdbx_seq_one_letter_code
_entity_poly.pdbx_strand_id
1 'polyribonucleotide' GCGCUGACAAAGCGC A
2 'polypeptide(L)' NAKTRRHERRRKLAIERDT B
#
loop_
_chem_comp.id
_chem_comp.type
_chem_comp.name
_chem_comp.formula
A RNA linking ADENOSINE-5'-MONOPHOSPHATE 'C10 H14 N5 O7 P'
C RNA linking CYTIDINE-5'-MONOPHOSPHATE 'C9 H14 N3 O8 P'
G RNA linking GUANOSINE-5'-MONOPHOSPHATE 'C10 H14 N5 O8 P'
U RNA linking URIDINE-5'-MONOPHOSPHATE 'C9 H13 N2 O9 P'
#
# COMPACT_ATOMS: atom_id res chain seq x y z
N ASN B 1 -11.07 -7.03 10.52
CA ASN B 1 -11.12 -6.27 9.24
C ASN B 1 -9.73 -6.06 8.67
N ALA B 2 -9.60 -6.28 7.32
CA ALA B 2 -8.36 -6.19 6.56
C ALA B 2 -8.10 -4.79 6.04
N LYS B 3 -7.42 -3.99 6.90
CA LYS B 3 -6.95 -2.64 6.66
C LYS B 3 -5.48 -2.76 6.31
N THR B 4 -4.61 -3.24 7.26
CA THR B 4 -3.17 -3.43 7.16
C THR B 4 -2.73 -4.48 6.14
N ARG B 5 -3.42 -5.66 6.03
CA ARG B 5 -3.13 -6.74 5.10
C ARG B 5 -3.15 -6.24 3.65
N ARG B 6 -4.23 -5.51 3.22
CA ARG B 6 -4.41 -4.86 1.93
C ARG B 6 -3.36 -3.75 1.79
N HIS B 7 -3.29 -2.78 2.78
CA HIS B 7 -2.40 -1.64 2.88
C HIS B 7 -0.96 -2.00 2.52
N GLU B 8 -0.29 -2.97 3.20
CA GLU B 8 1.08 -3.46 3.01
C GLU B 8 1.58 -3.41 1.55
N ARG B 9 0.91 -4.15 0.61
CA ARG B 9 1.21 -4.22 -0.82
C ARG B 9 0.82 -2.94 -1.59
N ARG B 10 -0.42 -2.40 -1.39
CA ARG B 10 -0.97 -1.17 -1.98
C ARG B 10 -0.04 0.03 -1.68
N ARG B 11 0.47 0.19 -0.41
CA ARG B 11 1.39 1.16 0.16
C ARG B 11 2.63 1.25 -0.72
N LYS B 12 3.40 0.14 -0.92
CA LYS B 12 4.60 0.04 -1.76
C LYS B 12 4.42 0.78 -3.08
N LEU B 13 3.34 0.46 -3.84
CA LEU B 13 2.93 1.05 -5.11
C LEU B 13 2.52 2.50 -4.97
N ALA B 14 1.59 2.86 -4.04
CA ALA B 14 1.10 4.19 -3.71
C ALA B 14 2.24 5.15 -3.51
N ILE B 15 3.27 4.74 -2.69
CA ILE B 15 4.46 5.52 -2.45
C ILE B 15 5.17 5.71 -3.81
N GLU B 16 5.57 4.58 -4.48
CA GLU B 16 6.28 4.52 -5.74
C GLU B 16 5.62 5.28 -6.93
N ARG B 17 4.34 5.74 -6.83
CA ARG B 17 3.62 6.55 -7.81
C ARG B 17 4.11 7.99 -7.66
N ASP B 18 4.02 8.55 -6.40
CA ASP B 18 4.46 9.86 -5.94
C ASP B 18 5.97 10.09 -6.16
N THR B 19 6.82 9.10 -5.73
CA THR B 19 8.28 9.03 -5.80
C THR B 19 8.86 9.62 -7.12
N ASN B 1 -11.19 -6.09 10.51
CA ASN B 1 -11.01 -6.16 9.03
C ASN B 1 -9.56 -6.19 8.56
N ALA B 2 -9.33 -6.51 7.26
CA ALA B 2 -8.04 -6.58 6.62
C ALA B 2 -7.61 -5.19 6.17
N LYS B 3 -6.94 -4.49 7.11
CA LYS B 3 -6.38 -3.16 6.97
C LYS B 3 -4.92 -3.32 6.59
N THR B 4 -4.05 -3.91 7.47
CA THR B 4 -2.60 -4.11 7.28
C THR B 4 -2.25 -5.05 6.14
N ARG B 5 -2.96 -6.21 5.98
CA ARG B 5 -2.78 -7.22 4.94
C ARG B 5 -2.93 -6.59 3.55
N ARG B 6 -4.01 -5.80 3.31
CA ARG B 6 -4.29 -5.05 2.10
C ARG B 6 -3.23 -3.93 1.96
N HIS B 7 -3.07 -3.05 3.00
CA HIS B 7 -2.16 -1.93 3.13
C HIS B 7 -0.77 -2.27 2.65
N GLU B 8 -0.07 -3.32 3.17
CA GLU B 8 1.26 -3.80 2.82
C GLU B 8 1.55 -3.73 1.30
N ARG B 9 0.71 -4.39 0.45
CA ARG B 9 0.79 -4.44 -1.00
C ARG B 9 0.45 -3.08 -1.64
N ARG B 10 -0.72 -2.46 -1.29
CA ARG B 10 -1.20 -1.17 -1.77
C ARG B 10 -0.19 -0.03 -1.51
N ARG B 11 0.41 0.05 -0.27
CA ARG B 11 1.44 0.95 0.24
C ARG B 11 2.57 1.02 -0.76
N LYS B 12 3.24 -0.12 -1.13
CA LYS B 12 4.31 -0.26 -2.12
C LYS B 12 4.02 0.56 -3.39
N LEU B 13 2.85 0.34 -4.05
CA LEU B 13 2.38 1.04 -5.24
C LEU B 13 2.06 2.49 -4.99
N ALA B 14 1.25 2.81 -3.93
CA ALA B 14 0.85 4.12 -3.48
C ALA B 14 2.04 5.03 -3.32
N ILE B 15 3.13 4.55 -2.62
CA ILE B 15 4.37 5.28 -2.45
C ILE B 15 4.89 5.59 -3.84
N GLU B 16 5.22 4.54 -4.66
CA GLU B 16 5.76 4.60 -6.00
C GLU B 16 5.08 5.65 -6.91
N ARG B 17 3.71 5.72 -6.94
CA ARG B 17 2.87 6.65 -7.69
C ARG B 17 3.24 8.11 -7.37
N ASP B 18 3.12 8.52 -6.07
CA ASP B 18 3.39 9.82 -5.49
C ASP B 18 4.86 10.24 -5.57
N THR B 19 5.76 9.38 -5.04
CA THR B 19 7.21 9.46 -4.93
C THR B 19 7.85 9.35 -6.34
N ASN B 1 -10.71 -7.63 10.56
CA ASN B 1 -10.80 -6.85 9.29
C ASN B 1 -9.45 -6.69 8.60
N ALA B 2 -9.46 -6.81 7.23
CA ALA B 2 -8.30 -6.71 6.37
C ALA B 2 -8.14 -5.29 5.84
N LYS B 3 -7.51 -4.43 6.69
CA LYS B 3 -7.16 -3.04 6.44
C LYS B 3 -5.68 -3.04 6.04
N THR B 4 -4.77 -3.56 6.93
CA THR B 4 -3.32 -3.64 6.76
C THR B 4 -2.88 -4.58 5.65
N ARG B 5 -3.54 -5.76 5.45
CA ARG B 5 -3.24 -6.74 4.42
C ARG B 5 -3.32 -6.12 3.01
N ARG B 6 -4.44 -5.42 2.64
CA ARG B 6 -4.59 -4.70 1.37
C ARG B 6 -3.59 -3.54 1.30
N HIS B 7 -3.47 -2.73 2.40
CA HIS B 7 -2.58 -1.60 2.60
C HIS B 7 -1.16 -1.94 2.18
N GLU B 8 -0.49 -2.98 2.78
CA GLU B 8 0.86 -3.47 2.48
C GLU B 8 1.22 -3.40 0.99
N ARG B 9 0.47 -4.12 0.09
CA ARG B 9 0.67 -4.15 -1.36
C ARG B 9 0.42 -2.79 -2.04
N ARG B 10 -0.75 -2.12 -1.78
CA ARG B 10 -1.14 -0.81 -2.34
C ARG B 10 -0.15 0.31 -1.93
N ARG B 11 0.33 0.35 -0.65
CA ARG B 11 1.32 1.22 -0.01
C ARG B 11 2.56 1.22 -0.88
N LYS B 12 3.21 0.04 -1.16
CA LYS B 12 4.38 -0.16 -2.02
C LYS B 12 4.29 0.70 -3.29
N LEU B 13 3.19 0.53 -4.08
CA LEU B 13 2.87 1.25 -5.31
C LEU B 13 2.65 2.73 -5.09
N ALA B 14 1.77 3.14 -4.12
CA ALA B 14 1.47 4.51 -3.72
C ALA B 14 2.73 5.29 -3.44
N ILE B 15 3.70 4.70 -2.66
CA ILE B 15 4.99 5.30 -2.37
C ILE B 15 5.70 5.50 -3.70
N GLU B 16 5.94 4.39 -4.47
CA GLU B 16 6.64 4.36 -5.75
C GLU B 16 6.07 5.32 -6.84
N ARG B 17 4.85 5.91 -6.67
CA ARG B 17 4.23 6.90 -7.54
C ARG B 17 4.99 8.23 -7.31
N ASP B 18 5.03 8.69 -6.02
CA ASP B 18 5.69 9.87 -5.49
C ASP B 18 7.21 9.86 -5.73
N THR B 19 7.90 8.72 -5.41
CA THR B 19 9.33 8.41 -5.52
C THR B 19 9.98 9.02 -6.79
N ASN B 1 -11.15 -6.91 10.43
CA ASN B 1 -11.16 -6.32 9.06
C ASN B 1 -9.74 -6.22 8.51
N ALA B 2 -9.58 -6.57 7.19
CA ALA B 2 -8.33 -6.56 6.47
C ALA B 2 -8.08 -5.17 5.92
N LYS B 3 -7.44 -4.33 6.79
CA LYS B 3 -7.03 -2.96 6.58
C LYS B 3 -5.57 -2.96 6.14
N THR B 4 -4.66 -3.47 7.02
CA THR B 4 -3.20 -3.58 6.87
C THR B 4 -2.78 -4.51 5.74
N ARG B 5 -3.41 -5.69 5.59
CA ARG B 5 -3.15 -6.71 4.57
C ARG B 5 -3.23 -6.10 3.16
N ARG B 6 -4.37 -5.39 2.82
CA ARG B 6 -4.56 -4.66 1.57
C ARG B 6 -3.54 -3.52 1.48
N HIS B 7 -3.46 -2.62 2.53
CA HIS B 7 -2.57 -1.49 2.69
C HIS B 7 -1.13 -1.82 2.27
N GLU B 8 -0.45 -2.83 2.87
CA GLU B 8 0.92 -3.31 2.61
C GLU B 8 1.33 -3.25 1.13
N ARG B 9 0.62 -3.99 0.20
CA ARG B 9 0.88 -4.01 -1.24
C ARG B 9 0.64 -2.65 -1.89
N ARG B 10 -0.58 -2.05 -1.69
CA ARG B 10 -1.03 -0.75 -2.18
C ARG B 10 -0.04 0.38 -1.84
N ARG B 11 0.44 0.46 -0.55
CA ARG B 11 1.42 1.34 0.06
C ARG B 11 2.66 1.37 -0.81
N LYS B 12 3.36 0.21 -1.04
CA LYS B 12 4.55 0.06 -1.87
C LYS B 12 4.43 0.84 -3.18
N LEU B 13 3.34 0.61 -3.98
CA LEU B 13 3.02 1.30 -5.23
C LEU B 13 2.75 2.78 -5.05
N ALA B 14 1.80 3.15 -4.14
CA ALA B 14 1.40 4.51 -3.77
C ALA B 14 2.60 5.37 -3.48
N ILE B 15 3.57 4.87 -2.64
CA ILE B 15 4.79 5.57 -2.33
C ILE B 15 5.55 5.78 -3.64
N GLU B 16 5.90 4.67 -4.36
CA GLU B 16 6.65 4.66 -5.59
C GLU B 16 6.05 5.52 -6.75
N ARG B 17 4.79 6.04 -6.64
CA ARG B 17 4.12 6.94 -7.59
C ARG B 17 4.75 8.33 -7.37
N ASP B 18 4.71 8.82 -6.09
CA ASP B 18 5.25 10.07 -5.55
C ASP B 18 6.76 10.18 -5.75
N THR B 19 7.53 9.11 -5.38
CA THR B 19 8.98 8.93 -5.45
C THR B 19 9.60 9.53 -6.74
N ASN B 1 -11.37 -6.09 10.39
CA ASN B 1 -11.31 -5.75 8.93
C ASN B 1 -9.89 -5.77 8.41
N ALA B 2 -9.70 -6.17 7.11
CA ALA B 2 -8.41 -6.24 6.44
C ALA B 2 -8.07 -4.87 5.90
N LYS B 3 -7.41 -4.07 6.79
CA LYS B 3 -6.92 -2.72 6.57
C LYS B 3 -5.44 -2.82 6.24
N THR B 4 -4.59 -3.34 7.20
CA THR B 4 -3.14 -3.51 7.09
C THR B 4 -2.71 -4.56 6.08
N ARG B 5 -3.40 -5.75 6.03
CA ARG B 5 -3.13 -6.84 5.10
C ARG B 5 -3.24 -6.35 3.64
N ARG B 6 -4.31 -5.56 3.29
CA ARG B 6 -4.54 -4.93 2.00
C ARG B 6 -3.45 -3.86 1.79
N HIS B 7 -3.33 -2.86 2.73
CA HIS B 7 -2.40 -1.75 2.78
C HIS B 7 -0.99 -2.13 2.33
N GLU B 8 -0.33 -3.14 2.96
CA GLU B 8 1.02 -3.65 2.69
C GLU B 8 1.43 -3.61 1.20
N ARG B 9 0.63 -4.25 0.28
CA ARG B 9 0.85 -4.32 -1.18
C ARG B 9 0.55 -2.98 -1.85
N ARG B 10 -0.64 -2.34 -1.59
CA ARG B 10 -1.08 -1.05 -2.11
C ARG B 10 -0.07 0.06 -1.79
N ARG B 11 0.45 0.15 -0.52
CA ARG B 11 1.47 1.03 0.03
C ARG B 11 2.65 1.09 -0.91
N LYS B 12 3.29 -0.06 -1.28
CA LYS B 12 4.41 -0.24 -2.21
C LYS B 12 4.21 0.62 -3.48
N LEU B 13 3.06 0.45 -4.19
CA LEU B 13 2.65 1.19 -5.38
C LEU B 13 2.35 2.65 -5.09
N ALA B 14 1.54 2.94 -4.03
CA ALA B 14 1.16 4.27 -3.54
C ALA B 14 2.37 5.15 -3.35
N ILE B 15 3.44 4.64 -2.65
CA ILE B 15 4.69 5.33 -2.44
C ILE B 15 5.26 5.71 -3.80
N GLU B 16 5.51 4.69 -4.68
CA GLU B 16 6.05 4.80 -6.02
C GLU B 16 5.34 5.88 -6.90
N ARG B 17 3.98 6.08 -6.76
CA ARG B 17 3.17 7.09 -7.45
C ARG B 17 3.66 8.50 -7.10
N ASP B 18 3.63 8.86 -5.79
CA ASP B 18 4.05 10.12 -5.16
C ASP B 18 5.49 10.50 -5.51
N THR B 19 6.44 9.55 -5.25
CA THR B 19 7.89 9.57 -5.50
C THR B 19 8.17 9.88 -7.00
N ASN B 1 -11.67 -6.58 9.96
CA ASN B 1 -11.25 -5.98 8.66
C ASN B 1 -9.75 -6.13 8.41
N ALA B 2 -9.38 -6.40 7.12
CA ALA B 2 -8.03 -6.56 6.65
C ALA B 2 -7.54 -5.19 6.27
N LYS B 3 -6.88 -4.53 7.27
CA LYS B 3 -6.29 -3.21 7.23
C LYS B 3 -4.84 -3.34 6.81
N THR B 4 -3.95 -3.92 7.67
CA THR B 4 -2.51 -4.10 7.44
C THR B 4 -2.17 -5.05 6.29
N ARG B 5 -2.89 -6.19 6.15
CA ARG B 5 -2.77 -7.20 5.11
C ARG B 5 -2.98 -6.58 3.73
N ARG B 6 -4.05 -5.73 3.55
CA ARG B 6 -4.37 -4.97 2.36
C ARG B 6 -3.29 -3.89 2.18
N HIS B 7 -3.05 -3.02 3.24
CA HIS B 7 -2.12 -1.92 3.34
C HIS B 7 -0.77 -2.27 2.77
N GLU B 8 -0.05 -3.34 3.24
CA GLU B 8 1.25 -3.81 2.78
C GLU B 8 1.42 -3.75 1.25
N ARG B 9 0.52 -4.41 0.45
CA ARG B 9 0.51 -4.42 -1.02
C ARG B 9 0.23 -3.02 -1.59
N ARG B 10 -0.92 -2.37 -1.21
CA ARG B 10 -1.38 -1.04 -1.60
C ARG B 10 -0.31 0.04 -1.33
N ARG B 11 0.37 0.05 -0.15
CA ARG B 11 1.44 0.91 0.35
C ARG B 11 2.59 0.91 -0.65
N LYS B 12 3.27 -0.26 -0.91
CA LYS B 12 4.37 -0.46 -1.87
C LYS B 12 4.08 0.26 -3.20
N LEU B 13 2.89 -0.03 -3.80
CA LEU B 13 2.32 0.53 -5.01
C LEU B 13 2.10 2.06 -4.89
N ALA B 14 1.32 2.53 -3.87
CA ALA B 14 0.98 3.91 -3.54
C ALA B 14 2.19 4.79 -3.45
N ILE B 15 3.26 4.33 -2.74
CA ILE B 15 4.52 5.03 -2.60
C ILE B 15 5.04 5.32 -4.01
N GLU B 16 5.25 4.24 -4.84
CA GLU B 16 5.73 4.27 -6.21
C GLU B 16 4.99 5.27 -7.11
N ARG B 17 3.63 5.43 -6.97
CA ARG B 17 2.76 6.36 -7.70
C ARG B 17 3.22 7.81 -7.47
N ASP B 18 3.28 8.24 -6.17
CA ASP B 18 3.69 9.55 -5.66
C ASP B 18 5.11 9.91 -6.10
N THR B 19 6.09 9.02 -5.79
CA THR B 19 7.53 9.05 -6.09
C THR B 19 7.76 9.25 -7.60
N ASN B 1 -11.50 -6.62 10.20
CA ASN B 1 -11.24 -6.07 8.85
C ASN B 1 -9.75 -6.11 8.52
N ALA B 2 -9.42 -6.37 7.20
CA ALA B 2 -8.08 -6.44 6.68
C ALA B 2 -7.69 -5.02 6.29
N LYS B 3 -7.06 -4.33 7.28
CA LYS B 3 -6.60 -2.96 7.23
C LYS B 3 -5.12 -2.93 6.85
N THR B 4 -4.21 -3.51 7.70
CA THR B 4 -2.75 -3.59 7.51
C THR B 4 -2.36 -4.59 6.44
N ARG B 5 -3.00 -5.80 6.35
CA ARG B 5 -2.76 -6.82 5.34
C ARG B 5 -2.97 -6.23 3.93
N ARG B 6 -4.07 -5.44 3.73
CA ARG B 6 -4.40 -4.69 2.53
C ARG B 6 -3.33 -3.59 2.34
N HIS B 7 -3.15 -2.68 3.37
CA HIS B 7 -2.22 -1.56 3.41
C HIS B 7 -0.85 -1.93 2.89
N GLU B 8 -0.16 -3.00 3.39
CA GLU B 8 1.15 -3.51 2.96
C GLU B 8 1.27 -3.55 1.42
N ARG B 9 0.35 -4.28 0.71
CA ARG B 9 0.28 -4.42 -0.75
C ARG B 9 0.04 -3.07 -1.45
N ARG B 10 -1.02 -2.31 -1.05
CA ARG B 10 -1.42 -1.00 -1.55
C ARG B 10 -0.31 0.04 -1.39
N ARG B 11 0.37 0.13 -0.19
CA ARG B 11 1.49 0.97 0.21
C ARG B 11 2.59 0.87 -0.83
N LYS B 12 3.13 -0.36 -1.14
CA LYS B 12 4.14 -0.65 -2.15
C LYS B 12 3.88 0.11 -3.45
N LEU B 13 2.63 -0.01 -4.01
CA LEU B 13 2.14 0.67 -5.19
C LEU B 13 1.99 2.17 -4.99
N ALA B 14 1.30 2.64 -3.91
CA ALA B 14 1.08 4.01 -3.50
C ALA B 14 2.38 4.80 -3.53
N ILE B 15 3.48 4.23 -2.93
CA ILE B 15 4.79 4.81 -2.93
C ILE B 15 5.24 4.95 -4.39
N GLU B 16 5.33 3.81 -5.14
CA GLU B 16 5.77 3.72 -6.52
C GLU B 16 5.06 4.70 -7.50
N ARG B 17 3.74 5.04 -7.29
CA ARG B 17 2.94 6.01 -8.04
C ARG B 17 3.65 7.37 -8.02
N ASP B 18 4.05 7.83 -6.79
CA ASP B 18 4.80 9.03 -6.47
C ASP B 18 6.24 8.98 -6.99
N THR B 19 6.98 7.85 -6.75
CA THR B 19 8.36 7.55 -7.14
C THR B 19 8.66 7.96 -8.60
N ASN B 1 -11.29 -7.10 10.07
CA ASN B 1 -11.06 -6.44 8.75
C ASN B 1 -9.61 -6.51 8.32
N ALA B 2 -9.40 -6.78 7.00
CA ALA B 2 -8.11 -6.85 6.35
C ALA B 2 -7.80 -5.43 5.88
N LYS B 3 -7.17 -4.65 6.80
CA LYS B 3 -6.76 -3.27 6.66
C LYS B 3 -5.28 -3.25 6.24
N THR B 4 -4.37 -3.82 7.09
CA THR B 4 -2.93 -3.91 6.91
C THR B 4 -2.51 -4.86 5.80
N ARG B 5 -3.19 -6.03 5.62
CA ARG B 5 -2.92 -7.02 4.59
C ARG B 5 -3.00 -6.41 3.19
N ARG B 6 -4.09 -5.66 2.84
CA ARG B 6 -4.25 -4.93 1.58
C ARG B 6 -3.25 -3.76 1.51
N HIS B 7 -3.13 -2.94 2.62
CA HIS B 7 -2.25 -1.79 2.79
C HIS B 7 -0.82 -2.12 2.38
N GLU B 8 -0.14 -3.16 2.95
CA GLU B 8 1.21 -3.63 2.67
C GLU B 8 1.57 -3.58 1.17
N ARG B 9 0.76 -4.24 0.28
CA ARG B 9 0.91 -4.28 -1.18
C ARG B 9 0.65 -2.90 -1.79
N ARG B 10 -0.55 -2.27 -1.54
CA ARG B 10 -1.00 -0.96 -2.01
C ARG B 10 0.02 0.14 -1.71
N ARG B 11 0.59 0.20 -0.46
CA ARG B 11 1.61 1.07 0.10
C ARG B 11 2.80 1.12 -0.84
N LYS B 12 3.47 -0.05 -1.14
CA LYS B 12 4.61 -0.19 -2.05
C LYS B 12 4.41 0.60 -3.35
N LEU B 13 3.27 0.39 -4.05
CA LEU B 13 2.87 1.08 -5.27
C LEU B 13 2.60 2.56 -5.06
N ALA B 14 1.72 2.93 -4.07
CA ALA B 14 1.35 4.28 -3.69
C ALA B 14 2.56 5.15 -3.48
N ILE B 15 3.59 4.64 -2.70
CA ILE B 15 4.83 5.33 -2.46
C ILE B 15 5.47 5.57 -3.83
N GLU B 16 5.80 4.48 -4.57
CA GLU B 16 6.46 4.47 -5.87
C GLU B 16 5.91 5.50 -6.88
N ARG B 17 4.54 5.62 -7.03
CA ARG B 17 3.80 6.54 -7.88
C ARG B 17 4.19 8.00 -7.62
N ASP B 18 4.01 8.46 -6.35
CA ASP B 18 4.29 9.78 -5.80
C ASP B 18 5.78 10.14 -5.78
N THR B 19 6.60 9.26 -5.15
CA THR B 19 8.04 9.29 -4.93
C THR B 19 8.79 9.10 -6.26
N ASN B 1 -11.05 -6.38 10.17
CA ASN B 1 -10.97 -5.88 8.77
C ASN B 1 -9.57 -6.03 8.20
N ALA B 2 -9.49 -6.45 6.91
CA ALA B 2 -8.26 -6.61 6.16
C ALA B 2 -7.95 -5.28 5.51
N LYS B 3 -7.26 -4.42 6.31
CA LYS B 3 -6.82 -3.07 5.99
C LYS B 3 -5.35 -3.15 5.55
N THR B 4 -4.45 -3.67 6.45
CA THR B 4 -3.00 -3.84 6.28
C THR B 4 -2.61 -4.81 5.17
N ARG B 5 -3.33 -5.96 5.05
CA ARG B 5 -3.14 -7.02 4.08
C ARG B 5 -3.22 -6.50 2.63
N ARG B 6 -4.29 -5.72 2.27
CA ARG B 6 -4.45 -5.07 0.97
C ARG B 6 -3.44 -3.92 0.80
N HIS B 7 -3.30 -3.03 1.85
CA HIS B 7 -2.41 -1.89 1.97
C HIS B 7 -0.99 -2.24 1.54
N GLU B 8 -0.34 -3.31 2.09
CA GLU B 8 1.01 -3.82 1.80
C GLU B 8 1.48 -3.60 0.34
N ARG B 9 0.74 -4.13 -0.69
CA ARG B 9 1.01 -4.00 -2.12
C ARG B 9 0.74 -2.58 -2.62
N ARG B 10 -0.48 -2.01 -2.35
CA ARG B 10 -0.96 -0.67 -2.69
C ARG B 10 0.02 0.43 -2.22
N ARG B 11 0.59 0.30 -0.98
CA ARG B 11 1.59 1.09 -0.29
C ARG B 11 2.80 1.26 -1.18
N LYS B 12 3.49 0.16 -1.66
CA LYS B 12 4.64 0.17 -2.58
C LYS B 12 4.44 1.21 -3.70
N LEU B 13 3.29 1.13 -4.45
CA LEU B 13 2.90 2.04 -5.52
C LEU B 13 2.69 3.47 -5.05
N ALA B 14 1.81 3.71 -4.03
CA ALA B 14 1.52 5.01 -3.42
C ALA B 14 2.77 5.74 -3.01
N ILE B 15 3.74 5.04 -2.33
CA ILE B 15 5.02 5.59 -1.92
C ILE B 15 5.75 6.06 -3.18
N GLU B 16 5.99 5.11 -4.15
CA GLU B 16 6.70 5.30 -5.40
C GLU B 16 6.23 6.54 -6.20
N ARG B 17 4.90 6.90 -6.17
CA ARG B 17 4.26 8.07 -6.80
C ARG B 17 4.91 9.36 -6.28
N ASP B 18 4.83 9.60 -4.93
CA ASP B 18 5.35 10.71 -4.15
C ASP B 18 6.86 10.91 -4.34
N THR B 19 7.64 9.83 -4.05
CA THR B 19 9.09 9.67 -4.15
C THR B 19 9.59 10.06 -5.56
N ASN B 1 -11.05 -7.08 10.46
CA ASN B 1 -10.98 -6.50 9.08
C ASN B 1 -9.55 -6.48 8.57
N ALA B 2 -9.37 -6.70 7.23
CA ALA B 2 -8.09 -6.72 6.55
C ALA B 2 -7.70 -5.30 6.17
N LYS B 3 -7.02 -4.64 7.14
CA LYS B 3 -6.50 -3.29 7.08
C LYS B 3 -5.04 -3.39 6.68
N THR B 4 -4.16 -4.03 7.52
CA THR B 4 -2.71 -4.22 7.33
C THR B 4 -2.37 -5.15 6.17
N ARG B 5 -3.06 -6.32 6.01
CA ARG B 5 -2.86 -7.28 4.91
C ARG B 5 -3.01 -6.58 3.56
N ARG B 6 -4.13 -5.80 3.36
CA ARG B 6 -4.41 -4.98 2.20
C ARG B 6 -3.34 -3.89 2.07
N HIS B 7 -3.14 -3.06 3.15
CA HIS B 7 -2.20 -1.97 3.29
C HIS B 7 -0.83 -2.31 2.75
N GLU B 8 -0.13 -3.38 3.24
CA GLU B 8 1.19 -3.87 2.80
C GLU B 8 1.39 -3.78 1.27
N ARG B 9 0.51 -4.41 0.45
CA ARG B 9 0.53 -4.43 -1.02
C ARG B 9 0.23 -3.04 -1.61
N ARG B 10 -0.94 -2.41 -1.25
CA ARG B 10 -1.40 -1.08 -1.66
C ARG B 10 -0.35 0.00 -1.36
N ARG B 11 0.33 -0.01 -0.17
CA ARG B 11 1.39 0.84 0.34
C ARG B 11 2.55 0.86 -0.64
N LYS B 12 3.23 -0.31 -0.93
CA LYS B 12 4.33 -0.46 -1.90
C LYS B 12 4.06 0.29 -3.20
N LEU B 13 2.88 0.03 -3.82
CA LEU B 13 2.31 0.64 -5.00
C LEU B 13 2.08 2.15 -4.82
N ALA B 14 1.31 2.58 -3.78
CA ALA B 14 0.96 3.93 -3.38
C ALA B 14 2.15 4.83 -3.28
N ILE B 15 3.25 4.35 -2.58
CA ILE B 15 4.48 5.07 -2.43
C ILE B 15 4.98 5.43 -3.83
N GLU B 16 5.19 4.41 -4.71
CA GLU B 16 5.65 4.51 -6.08
C GLU B 16 4.83 5.52 -6.93
N ARG B 17 3.46 5.55 -6.79
CA ARG B 17 2.51 6.44 -7.45
C ARG B 17 2.85 7.90 -7.16
N ASP B 18 2.93 8.27 -5.85
CA ASP B 18 3.26 9.59 -5.30
C ASP B 18 4.65 10.07 -5.74
N THR B 19 5.70 9.24 -5.49
CA THR B 19 7.13 9.38 -5.80
C THR B 19 7.32 9.68 -7.31
N ASN B 1 -11.91 -5.73 9.87
CA ASN B 1 -11.64 -5.88 8.42
C ASN B 1 -10.15 -5.99 8.07
N ALA B 2 -9.83 -6.34 6.78
CA ALA B 2 -8.46 -6.47 6.29
C ALA B 2 -8.02 -5.09 5.84
N LYS B 3 -7.42 -4.34 6.82
CA LYS B 3 -6.90 -3.01 6.69
C LYS B 3 -5.40 -3.12 6.41
N THR B 4 -4.57 -3.63 7.38
CA THR B 4 -3.11 -3.79 7.30
C THR B 4 -2.67 -4.83 6.28
N ARG B 5 -3.33 -6.03 6.22
CA ARG B 5 -3.07 -7.11 5.26
C ARG B 5 -3.17 -6.58 3.81
N ARG B 6 -4.21 -5.75 3.49
CA ARG B 6 -4.45 -5.07 2.23
C ARG B 6 -3.36 -4.00 2.05
N HIS B 7 -3.27 -3.01 3.02
CA HIS B 7 -2.37 -1.89 3.10
C HIS B 7 -0.96 -2.23 2.69
N GLU B 8 -0.30 -3.27 3.29
CA GLU B 8 1.04 -3.75 3.02
C GLU B 8 1.45 -3.71 1.53
N ARG B 9 0.61 -4.28 0.61
CA ARG B 9 0.78 -4.33 -0.84
C ARG B 9 0.40 -2.98 -1.48
N ARG B 10 -0.81 -2.42 -1.17
CA ARG B 10 -1.38 -1.15 -1.65
C ARG B 10 -0.40 0.03 -1.42
N ARG B 11 0.23 0.12 -0.21
CA ARG B 11 1.26 1.03 0.29
C ARG B 11 2.40 1.06 -0.72
N LYS B 12 3.05 -0.10 -1.07
CA LYS B 12 4.13 -0.26 -2.05
C LYS B 12 3.86 0.55 -3.32
N LEU B 13 2.69 0.32 -3.98
CA LEU B 13 2.21 1.00 -5.19
C LEU B 13 1.98 2.47 -4.97
N ALA B 14 1.19 2.87 -3.92
CA ALA B 14 0.88 4.23 -3.51
C ALA B 14 2.13 5.06 -3.39
N ILE B 15 3.19 4.54 -2.67
CA ILE B 15 4.47 5.18 -2.52
C ILE B 15 5.07 5.43 -3.91
N GLU B 16 5.30 4.31 -4.69
CA GLU B 16 5.89 4.28 -6.01
C GLU B 16 5.29 5.29 -7.02
N ARG B 17 3.93 5.56 -6.97
CA ARG B 17 3.22 6.53 -7.81
C ARG B 17 3.74 7.96 -7.57
N ASP B 18 3.67 8.43 -6.29
CA ASP B 18 4.11 9.73 -5.77
C ASP B 18 5.59 10.00 -6.07
N THR B 19 6.48 9.05 -5.67
CA THR B 19 7.94 8.99 -5.84
C THR B 19 8.31 9.14 -7.34
N ASN B 1 -11.01 -7.04 10.34
CA ASN B 1 -10.96 -6.44 8.98
C ASN B 1 -9.54 -6.48 8.42
N ALA B 2 -9.42 -6.77 7.09
CA ALA B 2 -8.16 -6.83 6.36
C ALA B 2 -7.88 -5.41 5.88
N LYS B 3 -7.25 -4.62 6.78
CA LYS B 3 -6.87 -3.24 6.64
C LYS B 3 -5.40 -3.15 6.21
N THR B 4 -4.47 -3.72 7.04
CA THR B 4 -3.03 -3.77 6.85
C THR B 4 -2.59 -4.71 5.74
N ARG B 5 -3.24 -5.89 5.57
CA ARG B 5 -2.96 -6.90 4.56
C ARG B 5 -3.06 -6.30 3.14
N ARG B 6 -4.17 -5.55 2.81
CA ARG B 6 -4.35 -4.84 1.55
C ARG B 6 -3.40 -3.64 1.47
N HIS B 7 -3.26 -2.82 2.57
CA HIS B 7 -2.42 -1.65 2.74
C HIS B 7 -1.00 -1.94 2.29
N GLU B 8 -0.30 -2.97 2.84
CA GLU B 8 1.06 -3.43 2.52
C GLU B 8 1.37 -3.35 1.02
N ARG B 9 0.54 -4.01 0.14
CA ARG B 9 0.64 -4.03 -1.31
C ARG B 9 0.41 -2.64 -1.93
N ARG B 10 -0.76 -1.99 -1.66
CA ARG B 10 -1.20 -0.68 -2.12
C ARG B 10 -0.19 0.43 -1.77
N ARG B 11 0.38 0.43 -0.52
CA ARG B 11 1.40 1.30 0.07
C ARG B 11 2.60 1.33 -0.86
N LYS B 12 3.25 0.16 -1.17
CA LYS B 12 4.39 0.00 -2.08
C LYS B 12 4.22 0.83 -3.34
N LEU B 13 3.08 0.66 -4.09
CA LEU B 13 2.72 1.40 -5.29
C LEU B 13 2.51 2.88 -5.07
N ALA B 14 1.65 3.28 -4.08
CA ALA B 14 1.33 4.64 -3.66
C ALA B 14 2.58 5.44 -3.39
N ILE B 15 3.57 4.85 -2.62
CA ILE B 15 4.83 5.49 -2.34
C ILE B 15 5.53 5.74 -3.68
N GLU B 16 5.78 4.65 -4.47
CA GLU B 16 6.44 4.66 -5.76
C GLU B 16 5.79 5.58 -6.83
N ARG B 17 4.56 6.16 -6.60
CA ARG B 17 3.86 7.12 -7.46
C ARG B 17 4.57 8.47 -7.22
N ASP B 18 4.61 8.93 -5.94
CA ASP B 18 5.22 10.12 -5.37
C ASP B 18 6.72 10.21 -5.65
N THR B 19 7.49 9.10 -5.39
CA THR B 19 8.93 8.88 -5.55
C THR B 19 9.50 9.57 -6.83
N ASN B 1 -10.97 -6.35 10.49
CA ASN B 1 -10.98 -5.91 9.07
C ASN B 1 -9.58 -5.90 8.49
N ALA B 2 -9.47 -6.24 7.17
CA ALA B 2 -8.23 -6.28 6.41
C ALA B 2 -7.93 -4.89 5.88
N LYS B 3 -7.21 -4.12 6.75
CA LYS B 3 -6.74 -2.76 6.54
C LYS B 3 -5.27 -2.83 6.11
N THR B 4 -4.37 -3.42 6.96
CA THR B 4 -2.93 -3.59 6.77
C THR B 4 -2.56 -4.54 5.64
N ARG B 5 -3.24 -5.71 5.51
CA ARG B 5 -3.04 -6.73 4.48
C ARG B 5 -3.10 -6.12 3.06
N ARG B 6 -4.18 -5.34 2.74
CA ARG B 6 -4.34 -4.63 1.47
C ARG B 6 -3.34 -3.47 1.35
N HIS B 7 -3.16 -2.65 2.45
CA HIS B 7 -2.26 -1.52 2.59
C HIS B 7 -0.86 -1.89 2.14
N GLU B 8 -0.22 -2.98 2.67
CA GLU B 8 1.09 -3.52 2.33
C GLU B 8 1.40 -3.45 0.82
N ARG B 9 0.50 -4.01 -0.05
CA ARG B 9 0.57 -4.03 -1.52
C ARG B 9 0.37 -2.62 -2.12
N ARG B 10 -0.76 -1.93 -1.76
CA ARG B 10 -1.16 -0.58 -2.18
C ARG B 10 -0.08 0.47 -1.90
N ARG B 11 0.57 0.43 -0.69
CA ARG B 11 1.66 1.22 -0.16
C ARG B 11 2.81 1.19 -1.15
N LYS B 12 3.34 -0.02 -1.56
CA LYS B 12 4.40 -0.23 -2.55
C LYS B 12 4.21 0.68 -3.77
N LEU B 13 3.01 0.64 -4.42
CA LEU B 13 2.61 1.45 -5.56
C LEU B 13 2.54 2.93 -5.24
N ALA B 14 1.78 3.35 -4.17
CA ALA B 14 1.62 4.71 -3.67
C ALA B 14 2.95 5.40 -3.46
N ILE B 15 3.95 4.70 -2.81
CA ILE B 15 5.29 5.21 -2.60
C ILE B 15 5.91 5.46 -3.97
N GLU B 16 6.00 4.40 -4.84
CA GLU B 16 6.58 4.42 -6.16
C GLU B 16 6.04 5.55 -7.08
N ARG B 17 4.75 6.03 -6.89
CA ARG B 17 4.13 7.16 -7.60
C ARG B 17 4.99 8.41 -7.39
N ASP B 18 5.32 8.71 -6.10
CA ASP B 18 6.16 9.78 -5.57
C ASP B 18 7.63 9.62 -5.97
N THR B 19 8.22 8.40 -5.78
CA THR B 19 9.61 7.98 -6.06
C THR B 19 10.12 8.54 -7.41
N ASN B 1 -11.58 -5.93 9.97
CA ASN B 1 -11.36 -5.99 8.50
C ASN B 1 -9.89 -6.11 8.09
N ALA B 2 -9.63 -6.45 6.78
CA ALA B 2 -8.31 -6.57 6.21
C ALA B 2 -7.89 -5.18 5.74
N LYS B 3 -7.27 -4.44 6.70
CA LYS B 3 -6.76 -3.10 6.55
C LYS B 3 -5.28 -3.19 6.21
N THR B 4 -4.43 -3.74 7.15
CA THR B 4 -2.98 -3.92 7.02
C THR B 4 -2.59 -4.90 5.94
N ARG B 5 -3.24 -6.09 5.84
CA ARG B 5 -3.01 -7.13 4.84
C ARG B 5 -3.13 -6.57 3.40
N ARG B 6 -4.16 -5.72 3.13
CA ARG B 6 -4.42 -4.99 1.90
C ARG B 6 -3.34 -3.90 1.75
N HIS B 7 -3.23 -2.97 2.76
CA HIS B 7 -2.32 -1.83 2.88
C HIS B 7 -0.91 -2.18 2.45
N GLU B 8 -0.24 -3.22 3.03
CA GLU B 8 1.10 -3.72 2.74
C GLU B 8 1.48 -3.64 1.24
N ARG B 9 0.63 -4.19 0.32
CA ARG B 9 0.80 -4.19 -1.14
C ARG B 9 0.49 -2.81 -1.73
N ARG B 10 -0.72 -2.22 -1.45
CA ARG B 10 -1.21 -0.91 -1.90
C ARG B 10 -0.21 0.22 -1.61
N ARG B 11 0.39 0.25 -0.38
CA ARG B 11 1.40 1.13 0.17
C ARG B 11 2.58 1.19 -0.78
N LYS B 12 3.24 0.04 -1.13
CA LYS B 12 4.36 -0.11 -2.07
C LYS B 12 4.14 0.73 -3.34
N LEU B 13 2.96 0.54 -4.03
CA LEU B 13 2.54 1.27 -5.21
C LEU B 13 2.31 2.75 -4.97
N ALA B 14 1.47 3.13 -3.95
CA ALA B 14 1.15 4.49 -3.52
C ALA B 14 2.39 5.31 -3.30
N ILE B 15 3.42 4.74 -2.57
CA ILE B 15 4.69 5.39 -2.33
C ILE B 15 5.35 5.64 -3.70
N GLU B 16 5.58 4.56 -4.49
CA GLU B 16 6.23 4.58 -5.80
C GLU B 16 5.61 5.59 -6.80
N ARG B 17 4.28 5.94 -6.69
CA ARG B 17 3.58 6.95 -7.51
C ARG B 17 4.29 8.30 -7.32
N ASP B 18 4.48 8.71 -6.03
CA ASP B 18 5.15 9.89 -5.52
C ASP B 18 6.65 9.89 -5.83
N THR B 19 7.37 8.75 -5.55
CA THR B 19 8.80 8.49 -5.74
C THR B 19 9.32 9.04 -7.09
N ASN B 1 -10.80 -6.81 10.28
CA ASN B 1 -10.71 -6.30 8.88
C ASN B 1 -9.30 -6.46 8.32
N ALA B 2 -9.21 -6.70 6.97
CA ALA B 2 -7.97 -6.86 6.23
C ALA B 2 -7.33 -5.53 5.76
N LYS B 3 -7.62 -4.40 6.47
CA LYS B 3 -7.15 -3.04 6.29
C LYS B 3 -5.65 -2.95 6.00
N THR B 4 -4.78 -3.59 6.85
CA THR B 4 -3.32 -3.63 6.74
C THR B 4 -2.81 -4.56 5.65
N ARG B 5 -3.43 -5.78 5.43
CA ARG B 5 -3.04 -6.75 4.40
C ARG B 5 -3.11 -6.10 3.00
N ARG B 6 -4.27 -5.46 2.63
CA ARG B 6 -4.46 -4.72 1.38
C ARG B 6 -3.52 -3.52 1.31
N HIS B 7 -3.42 -2.70 2.41
CA HIS B 7 -2.59 -1.52 2.57
C HIS B 7 -1.15 -1.80 2.20
N GLU B 8 -0.46 -2.82 2.79
CA GLU B 8 0.92 -3.23 2.53
C GLU B 8 1.29 -3.21 1.05
N ARG B 9 0.54 -3.97 0.18
CA ARG B 9 0.71 -4.06 -1.27
C ARG B 9 0.50 -2.70 -1.94
N ARG B 10 -0.67 -2.03 -1.72
CA ARG B 10 -1.08 -0.71 -2.22
C ARG B 10 -0.04 0.37 -1.88
N ARG B 11 0.45 0.45 -0.59
CA ARG B 11 1.45 1.31 0.00
C ARG B 11 2.69 1.29 -0.89
N LYS B 12 3.33 0.09 -1.13
CA LYS B 12 4.49 -0.13 -2.00
C LYS B 12 4.40 0.69 -3.30
N LEU B 13 3.29 0.52 -4.09
CA LEU B 13 2.99 1.23 -5.33
C LEU B 13 2.79 2.71 -5.11
N ALA B 14 1.88 3.13 -4.19
CA ALA B 14 1.56 4.51 -3.81
C ALA B 14 2.82 5.30 -3.52
N ILE B 15 3.78 4.73 -2.70
CA ILE B 15 5.03 5.35 -2.38
C ILE B 15 5.83 5.55 -3.68
N GLU B 16 6.11 4.42 -4.41
CA GLU B 16 6.87 4.34 -5.64
C GLU B 16 6.48 5.39 -6.71
N ARG B 17 5.16 5.70 -6.87
CA ARG B 17 4.57 6.69 -7.78
C ARG B 17 5.15 8.09 -7.50
N ASP B 18 4.98 8.59 -6.24
CA ASP B 18 5.44 9.85 -5.67
C ASP B 18 6.96 10.03 -5.79
N THR B 19 7.73 9.05 -5.24
CA THR B 19 9.19 8.89 -5.22
C THR B 19 9.78 8.98 -6.64
N ASN B 1 -11.61 -6.39 9.92
CA ASN B 1 -11.21 -5.83 8.60
C ASN B 1 -9.72 -5.99 8.33
N ALA B 2 -9.37 -6.24 7.03
CA ALA B 2 -8.02 -6.40 6.54
C ALA B 2 -7.51 -5.01 6.21
N LYS B 3 -6.85 -4.41 7.22
CA LYS B 3 -6.25 -3.10 7.21
C LYS B 3 -4.80 -3.27 6.80
N THR B 4 -3.91 -3.88 7.65
CA THR B 4 -2.49 -4.10 7.40
C THR B 4 -2.21 -5.02 6.21
N ARG B 5 -2.93 -6.16 6.08
CA ARG B 5 -2.80 -7.13 4.99
C ARG B 5 -3.00 -6.48 3.62
N ARG B 6 -4.08 -5.65 3.44
CA ARG B 6 -4.38 -4.87 2.26
C ARG B 6 -3.29 -3.79 2.10
N HIS B 7 -3.07 -2.94 3.16
CA HIS B 7 -2.12 -1.85 3.28
C HIS B 7 -0.74 -2.21 2.76
N GLU B 8 -0.05 -3.26 3.29
CA GLU B 8 1.28 -3.77 2.90
C GLU B 8 1.52 -3.72 1.38
N ARG B 9 0.67 -4.40 0.55
CA ARG B 9 0.74 -4.43 -0.91
C ARG B 9 0.38 -3.07 -1.53
N ARG B 10 -0.79 -2.45 -1.18
CA ARG B 10 -1.28 -1.14 -1.67
C ARG B 10 -0.24 -0.02 -1.43
N ARG B 11 0.39 0.06 -0.22
CA ARG B 11 1.43 0.94 0.27
C ARG B 11 2.57 0.98 -0.74
N LYS B 12 3.20 -0.18 -1.09
CA LYS B 12 4.27 -0.35 -2.08
C LYS B 12 3.99 0.47 -3.35
N LEU B 13 2.80 0.26 -4.00
CA LEU B 13 2.32 0.96 -5.18
C LEU B 13 2.04 2.43 -4.93
N ALA B 14 1.32 2.79 -3.84
CA ALA B 14 0.98 4.13 -3.39
C ALA B 14 2.19 5.01 -3.27
N ILE B 15 3.28 4.49 -2.61
CA ILE B 15 4.54 5.18 -2.46
C ILE B 15 5.07 5.46 -3.87
N GLU B 16 5.31 4.38 -4.69
CA GLU B 16 5.83 4.42 -6.04
C GLU B 16 5.04 5.36 -7.00
N ARG B 17 3.69 5.58 -6.80
CA ARG B 17 2.83 6.49 -7.56
C ARG B 17 3.40 7.92 -7.42
N ASP B 18 3.66 8.36 -6.16
CA ASP B 18 4.26 9.62 -5.74
C ASP B 18 5.72 9.75 -6.20
N THR B 19 6.57 8.70 -5.95
CA THR B 19 8.00 8.59 -6.28
C THR B 19 8.33 9.13 -7.69
N ASN B 1 -11.32 -6.12 10.22
CA ASN B 1 -11.20 -6.17 8.73
C ASN B 1 -9.76 -6.21 8.24
N ALA B 2 -9.57 -6.49 6.91
CA ALA B 2 -8.29 -6.57 6.24
C ALA B 2 -7.92 -5.16 5.80
N LYS B 3 -7.13 -4.51 6.68
CA LYS B 3 -6.58 -3.17 6.58
C LYS B 3 -5.15 -3.30 6.05
N THR B 4 -4.21 -3.86 6.87
CA THR B 4 -2.78 -4.06 6.58
C THR B 4 -2.52 -5.04 5.44
N ARG B 5 -3.26 -6.18 5.39
CA ARG B 5 -3.17 -7.23 4.40
C ARG B 5 -3.33 -6.70 2.97
N ARG B 6 -4.38 -5.86 2.67
CA ARG B 6 -4.61 -5.20 1.38
C ARG B 6 -3.56 -4.11 1.14
N HIS B 7 -3.35 -3.19 2.15
CA HIS B 7 -2.44 -2.07 2.21
C HIS B 7 -1.07 -2.42 1.68
N GLU B 8 -0.40 -3.51 2.16
CA GLU B 8 0.91 -4.03 1.77
C GLU B 8 1.30 -3.80 0.30
N ARG B 9 0.47 -4.24 -0.70
CA ARG B 9 0.67 -4.08 -2.14
C ARG B 9 0.38 -2.64 -2.60
N ARG B 10 -0.80 -2.06 -2.25
CA ARG B 10 -1.26 -0.70 -2.56
C ARG B 10 -0.22 0.36 -2.14
N ARG B 11 0.38 0.22 -0.92
CA ARG B 11 1.43 0.98 -0.27
C ARG B 11 2.61 1.09 -1.23
N LYS B 12 3.20 -0.05 -1.73
CA LYS B 12 4.31 -0.12 -2.69
C LYS B 12 4.15 0.92 -3.82
N LEU B 13 2.99 0.89 -4.55
CA LEU B 13 2.60 1.79 -5.63
C LEU B 13 2.45 3.24 -5.19
N ALA B 14 1.66 3.51 -4.12
CA ALA B 14 1.43 4.82 -3.52
C ALA B 14 2.74 5.50 -3.19
N ILE B 15 3.68 4.77 -2.49
CA ILE B 15 5.00 5.26 -2.14
C ILE B 15 5.71 5.64 -3.43
N GLU B 16 5.92 4.66 -4.36
CA GLU B 16 6.62 4.78 -5.63
C GLU B 16 6.27 6.06 -6.41
N ARG B 17 4.95 6.38 -6.59
CA ARG B 17 4.40 7.55 -7.27
C ARG B 17 5.01 8.87 -6.76
N ASP B 18 4.87 9.11 -5.41
CA ASP B 18 5.35 10.25 -4.64
C ASP B 18 6.87 10.33 -4.56
N THR B 19 7.52 9.24 -4.07
CA THR B 19 8.93 9.01 -3.85
C THR B 19 9.69 8.93 -5.19
N ASN B 1 -4.75 -7.54 10.20
CA ASN B 1 -6.07 -7.16 9.62
C ASN B 1 -6.03 -7.05 8.10
N ALA B 2 -7.19 -7.28 7.43
CA ALA B 2 -7.38 -7.26 5.98
C ALA B 2 -6.94 -5.96 5.30
N LYS B 3 -7.26 -4.77 5.90
CA LYS B 3 -6.89 -3.44 5.42
C LYS B 3 -5.37 -3.38 5.30
N THR B 4 -4.58 -3.80 6.34
CA THR B 4 -3.12 -3.88 6.30
C THR B 4 -2.61 -4.87 5.25
N ARG B 5 -3.33 -6.01 4.93
CA ARG B 5 -2.91 -6.98 3.90
C ARG B 5 -2.85 -6.34 2.51
N ARG B 6 -3.98 -5.71 2.05
CA ARG B 6 -4.09 -4.98 0.79
C ARG B 6 -3.10 -3.80 0.77
N HIS B 7 -3.03 -2.98 1.88
CA HIS B 7 -2.16 -1.85 2.12
C HIS B 7 -0.71 -2.21 1.81
N GLU B 8 -0.07 -3.25 2.43
CA GLU B 8 1.30 -3.72 2.23
C GLU B 8 1.85 -3.54 0.78
N ARG B 9 1.15 -4.08 -0.28
CA ARG B 9 1.50 -3.95 -1.69
C ARG B 9 1.15 -2.56 -2.23
N ARG B 10 -0.13 -2.08 -2.07
CA ARG B 10 -0.68 -0.78 -2.48
C ARG B 10 0.21 0.39 -2.02
N ARG B 11 0.74 0.36 -0.76
CA ARG B 11 1.65 1.24 -0.05
C ARG B 11 2.89 1.44 -0.88
N LYS B 12 3.66 0.35 -1.25
CA LYS B 12 4.85 0.36 -2.10
C LYS B 12 4.69 1.29 -3.31
N LEU B 13 3.59 1.10 -4.11
CA LEU B 13 3.22 1.89 -5.28
C LEU B 13 2.85 3.33 -4.93
N ALA B 14 1.92 3.55 -3.95
CA ALA B 14 1.47 4.83 -3.45
C ALA B 14 2.60 5.73 -3.02
N ILE B 15 3.61 5.18 -2.25
CA ILE B 15 4.79 5.89 -1.84
C ILE B 15 5.53 6.32 -3.11
N GLU B 16 5.92 5.33 -3.98
CA GLU B 16 6.63 5.51 -5.23
C GLU B 16 5.96 6.50 -6.23
N ARG B 17 4.66 6.91 -6.04
CA ARG B 17 3.94 7.91 -6.83
C ARG B 17 4.56 9.28 -6.47
N ASP B 18 4.57 9.61 -5.14
CA ASP B 18 5.10 10.78 -4.48
C ASP B 18 6.61 10.96 -4.68
N THR B 19 7.41 9.87 -4.44
CA THR B 19 8.87 9.73 -4.54
C THR B 19 9.46 10.53 -5.73
N ASN B 1 -11.76 -6.80 8.86
CA ASN B 1 -10.45 -6.91 9.56
C ASN B 1 -9.23 -6.64 8.69
N ALA B 2 -9.19 -7.16 7.42
CA ALA B 2 -8.10 -7.05 6.48
C ALA B 2 -7.90 -5.64 5.91
N LYS B 3 -7.23 -4.81 6.75
CA LYS B 3 -6.80 -3.45 6.51
C LYS B 3 -5.33 -3.51 6.13
N THR B 4 -4.44 -4.09 7.01
CA THR B 4 -2.99 -4.25 6.86
C THR B 4 -2.59 -5.15 5.70
N ARG B 5 -3.22 -6.36 5.51
CA ARG B 5 -2.97 -7.29 4.41
C ARG B 5 -3.03 -6.58 3.05
N ARG B 6 -4.15 -5.83 2.80
CA ARG B 6 -4.42 -4.99 1.65
C ARG B 6 -3.38 -3.88 1.57
N HIS B 7 -3.27 -3.02 2.65
CA HIS B 7 -2.38 -1.90 2.82
C HIS B 7 -0.94 -2.19 2.42
N GLU B 8 -0.27 -3.25 2.98
CA GLU B 8 1.10 -3.72 2.71
C GLU B 8 1.51 -3.59 1.24
N ARG B 9 0.80 -4.29 0.30
CA ARG B 9 1.04 -4.24 -1.15
C ARG B 9 0.73 -2.86 -1.76
N ARG B 10 -0.50 -2.30 -1.52
CA ARG B 10 -1.00 -0.99 -1.97
C ARG B 10 -0.02 0.14 -1.62
N ARG B 11 0.49 0.20 -0.36
CA ARG B 11 1.48 1.09 0.24
C ARG B 11 2.71 1.14 -0.65
N LYS B 12 3.42 -0.01 -0.91
CA LYS B 12 4.59 -0.13 -1.79
C LYS B 12 4.41 0.66 -3.09
N LEU B 13 3.32 0.39 -3.87
CA LEU B 13 2.96 1.07 -5.11
C LEU B 13 2.67 2.54 -4.94
N ALA B 14 1.76 2.92 -4.00
CA ALA B 14 1.36 4.28 -3.63
C ALA B 14 2.58 5.15 -3.38
N ILE B 15 3.56 4.64 -2.56
CA ILE B 15 4.81 5.31 -2.26
C ILE B 15 5.53 5.56 -3.59
N GLU B 16 5.87 4.46 -4.34
CA GLU B 16 6.56 4.45 -5.61
C GLU B 16 5.92 5.28 -6.75
N ARG B 17 4.67 5.82 -6.58
CA ARG B 17 3.94 6.70 -7.50
C ARG B 17 4.39 8.13 -7.21
N ASP B 18 4.24 8.59 -5.94
CA ASP B 18 4.62 9.89 -5.37
C ASP B 18 6.10 10.21 -5.60
N THR B 19 7.00 9.23 -5.26
CA THR B 19 8.47 9.20 -5.36
C THR B 19 8.98 9.84 -6.68
N ASN B 1 -10.97 -6.39 10.45
CA ASN B 1 -10.94 -5.91 9.03
C ASN B 1 -9.52 -5.91 8.49
N ALA B 2 -9.36 -6.22 7.17
CA ALA B 2 -8.10 -6.26 6.45
C ALA B 2 -7.75 -4.86 5.98
N LYS B 3 -7.11 -4.10 6.90
CA LYS B 3 -6.63 -2.75 6.74
C LYS B 3 -5.16 -2.86 6.35
N THR B 4 -4.28 -3.42 7.24
CA THR B 4 -2.84 -3.61 7.06
C THR B 4 -2.47 -4.59 5.94
N ARG B 5 -3.16 -5.77 5.84
CA ARG B 5 -2.94 -6.79 4.82
C ARG B 5 -3.11 -6.22 3.40
N ARG B 6 -4.20 -5.45 3.15
CA ARG B 6 -4.47 -4.74 1.90
C ARG B 6 -3.43 -3.62 1.74
N HIS B 7 -3.24 -2.73 2.78
CA HIS B 7 -2.31 -1.62 2.87
C HIS B 7 -0.95 -2.00 2.33
N GLU B 8 -0.25 -3.05 2.85
CA GLU B 8 1.05 -3.59 2.43
C GLU B 8 1.27 -3.53 0.90
N ARG B 9 0.35 -4.16 0.10
CA ARG B 9 0.34 -4.23 -1.36
C ARG B 9 0.18 -2.84 -2.01
N ARG B 10 -0.93 -2.12 -1.68
CA ARG B 10 -1.34 -0.79 -2.14
C ARG B 10 -0.30 0.30 -1.82
N ARG B 11 0.29 0.31 -0.58
CA ARG B 11 1.32 1.16 -0.02
C ARG B 11 2.50 1.18 -0.98
N LYS B 12 3.09 0.00 -1.34
CA LYS B 12 4.20 -0.21 -2.28
C LYS B 12 4.04 0.68 -3.52
N LEU B 13 2.89 0.56 -4.25
CA LEU B 13 2.51 1.34 -5.42
C LEU B 13 2.33 2.82 -5.14
N ALA B 14 1.50 3.19 -4.12
CA ALA B 14 1.23 4.55 -3.66
C ALA B 14 2.50 5.31 -3.39
N ILE B 15 3.49 4.69 -2.66
CA ILE B 15 4.77 5.31 -2.38
C ILE B 15 5.47 5.54 -3.71
N GLU B 16 5.69 4.46 -4.52
CA GLU B 16 6.38 4.48 -5.79
C GLU B 16 5.86 5.54 -6.79
N ARG B 17 4.55 5.97 -6.72
CA ARG B 17 3.94 7.04 -7.52
C ARG B 17 4.71 8.35 -7.27
N ASP B 18 4.89 8.70 -5.96
CA ASP B 18 5.63 9.83 -5.40
C ASP B 18 7.13 9.74 -5.66
N THR B 19 7.76 8.56 -5.39
CA THR B 19 9.19 8.21 -5.54
C THR B 19 9.79 8.77 -6.86
#